data_9PF7
#
_entry.id   9PF7
#
_cell.length_a   66.715
_cell.length_b   68.534
_cell.length_c   68.698
_cell.angle_alpha   100.891
_cell.angle_beta   98.907
_cell.angle_gamma   102.742
#
_symmetry.space_group_name_H-M   'P 1'
#
loop_
_entity.id
_entity.type
_entity.pdbx_description
1 polymer "DNA (5'-D(*CP*AP*GP*AP*TP*AP*CP*CP*TP*GP*AP*TP*CP*GP*GP*AP*CP*TP*AP*CP*G)-3')"
2 polymer "DNA (5'-D(*TP*TP*AP*GP*TP*CP*GP*TP*GP*GP*TP*AP*TP*C)-3')"
3 polymer "DNA (5'-D(*TP*GP*CP*GP*TP*AP*GP*TP*GP*GP*TP*CP*GP*C)-3')"
4 polymer "DNA (5'-D(*GP*AP*GP*CP*GP*AP*CP*CP*TP*GP*TP*AP*CP*GP*GP*AP*CP*AP*TP*CP*A)-3')"
5 polymer "DNA (5'-D(*TP*CP*TP*GP*AP*TP*GP*TP*GP*GP*TP*AP*GP*G)-3')"
6 polymer "DNA (5'-D(*AP*AP*CP*CP*TP*AP*CP*CP*TP*GP*GP*CP*AP*GP*GP*AP*CP*GP*AP*CP*T)-3')"
7 polymer "DNA (5'-D(*AP*CP*AP*CP*CP*GP*AP*TP*CP*AP*CP*CP*TP*GP*CP*CP*AP*CP*CP*G)-3')"
#
loop_
_entity_poly.entity_id
_entity_poly.type
_entity_poly.pdbx_seq_one_letter_code
_entity_poly.pdbx_strand_id
1 'polydeoxyribonucleotide'
;(DC)(DA)(DG)(DA)(DT)(DA)(DC)(DC)(DT)(DG)(DA)(DT)(DC)(DG)(DG)(DA)(DC)(DT)(DA)(DC)
(DG)
;
A
2 'polydeoxyribonucleotide' (DT)(DT)(DA)(DG)(DT)(DC)(DG)(DT)(DG)(DG)(DT)(DA)(DT)(DC) E
3 'polydeoxyribonucleotide' (DT)(DG)(DC)(DG)(DT)(DA)(DG)(DT)(DG)(DG)(DT)(DC)(DG)(DC) D
4 'polydeoxyribonucleotide'
;(DG)(DA)(DG)(DC)(DG)(DA)(DC)(DC)(DT)(DG)(DT)(DA)(DC)(DG)(DG)(DA)(DC)(DA)(DT)(DC)
(DA)
;
B
5 'polydeoxyribonucleotide' (DT)(DC)(DT)(DG)(DA)(DT)(DG)(DT)(DG)(DG)(DT)(DA)(DG)(DG) F
6 'polydeoxyribonucleotide'
;(DA)(DA)(DC)(DC)(DT)(DA)(DC)(DC)(DT)(DG)(DG)(DC)(DA)(DG)(DG)(DA)(DC)(DG)(DA)(DC)
(DT)
;
C
7 'polydeoxyribonucleotide' (DA)(DC)(DA)(DC)(DC)(DG)(DA)(DT)(DC)(DA)(DC)(DC)(DT)(DG)(DC)(DC)(DA)(DC)(DC)(DG) M
#
loop_
_chem_comp.id
_chem_comp.type
_chem_comp.name
_chem_comp.formula
DA DNA linking 2'-DEOXYADENOSINE-5'-MONOPHOSPHATE 'C10 H14 N5 O6 P'
DC DNA linking 2'-DEOXYCYTIDINE-5'-MONOPHOSPHATE 'C9 H14 N3 O7 P'
DG DNA linking 2'-DEOXYGUANOSINE-5'-MONOPHOSPHATE 'C10 H14 N5 O7 P'
DT DNA linking THYMIDINE-5'-MONOPHOSPHATE 'C10 H15 N2 O8 P'
#